data_7F6T
#
_entry.id   7F6T
#
_cell.length_a   44.700
_cell.length_b   108.370
_cell.length_c   163.410
_cell.angle_alpha   90.000
_cell.angle_beta   90.000
_cell.angle_gamma   90.000
#
_symmetry.space_group_name_H-M   'I 2 2 2'
#
loop_
_entity.id
_entity.type
_entity.pdbx_description
1 polymer 'Iron ABC transporter, periplasmic iron-binding protein'
2 non-polymer 'SODIUM ION'
3 non-polymer 'CHLORIDE ION'
4 non-polymer 'CARBON DIOXIDE'
5 non-polymer 1,2-ETHANEDIOL
6 non-polymer GLYCEROL
7 non-polymer 'PHOSPHATE ION'
8 non-polymer 'ACETATE ION'
9 water water
#
_entity_poly.entity_id   1
_entity_poly.type   'polypeptide(L)'
_entity_poly.pdbx_seq_one_letter_code
;MMQQSRPASDPQVVEAARKEGRLIIYSSTDQSSAQALLDDFRKLYPFIQIEYNDLGTQAIYDRFVSETAAGASSADLLWS
SAMELQVKLASEGYALPYDSPEAKNWPANARLGNLAYSTTLEPAVVVYNKRFLKPEEVPTTREGLARLLQEPRMRGRVAT
WDPERSAVGFTILKADYDRFPAFQELARAFGKAQAALYSSTGAAFEKVISGEHYLAYGFFGSFALLRQRTVKDLGIAYLT
DGTVAIQRVAFINKRAAHPNAAKLFLDYLLSLRGQNLMAYTALIFARRETVVGEATPQALYKAVGGKDKVYAIPVSTEIL
KNLDPAERMRFLTFWRQAVRGQ
;
_entity_poly.pdbx_strand_id   A
#
# COMPACT_ATOMS: atom_id res chain seq x y z
N GLN A 4 7.96 21.23 18.68
CA GLN A 4 6.99 22.03 17.85
C GLN A 4 6.31 21.14 16.79
N SER A 5 6.80 19.92 16.51
CA SER A 5 6.10 18.95 15.62
C SER A 5 5.43 17.76 16.36
N ARG A 6 5.38 17.69 17.71
CA ARG A 6 4.66 16.64 18.50
C ARG A 6 3.23 16.48 17.99
N PRO A 7 2.66 15.27 17.78
CA PRO A 7 1.27 15.12 17.33
C PRO A 7 0.29 15.78 18.30
N ALA A 8 -0.87 16.24 17.80
CA ALA A 8 -1.99 16.75 18.63
C ALA A 8 -2.36 15.66 19.63
N SER A 9 -2.44 15.98 20.91
CA SER A 9 -2.67 14.98 21.97
C SER A 9 -3.90 15.37 22.78
N ASP A 10 -4.80 14.45 23.06
CA ASP A 10 -5.70 14.68 24.22
C ASP A 10 -4.91 14.36 25.48
N PRO A 11 -4.75 15.31 26.46
CA PRO A 11 -4.07 15.04 27.72
C PRO A 11 -4.69 13.87 28.49
N GLN A 12 -6.03 13.75 28.49
CA GLN A 12 -6.70 12.57 29.13
C GLN A 12 -6.14 11.32 28.49
N VAL A 13 -5.96 11.29 27.14
CA VAL A 13 -5.50 10.06 26.43
C VAL A 13 -4.04 9.74 26.81
N VAL A 14 -3.15 10.73 26.78
CA VAL A 14 -1.70 10.53 27.08
C VAL A 14 -1.59 9.99 28.52
N GLU A 15 -2.48 10.43 29.41
CA GLU A 15 -2.38 10.10 30.84
C GLU A 15 -2.88 8.66 31.01
N ALA A 16 -3.92 8.27 30.29
CA ALA A 16 -4.39 6.88 30.31
C ALA A 16 -3.37 5.98 29.58
N ALA A 17 -2.59 6.49 28.60
CA ALA A 17 -1.59 5.63 27.91
C ALA A 17 -0.43 5.30 28.88
N ARG A 18 0.01 6.28 29.69
CA ARG A 18 1.01 6.10 30.79
C ARG A 18 0.61 4.94 31.68
N LYS A 19 -0.64 4.89 32.12
CA LYS A 19 -1.14 3.82 33.02
C LYS A 19 -1.04 2.50 32.26
N GLU A 20 -1.47 2.45 31.01
CA GLU A 20 -1.38 1.23 30.17
C GLU A 20 0.09 0.81 29.96
N GLY A 21 0.91 1.79 29.48
CA GLY A 21 2.38 1.69 29.30
C GLY A 21 2.84 0.63 28.32
N ARG A 22 1.92 0.03 27.55
CA ARG A 22 2.21 -0.99 26.52
C ARG A 22 1.43 -0.65 25.24
N LEU A 23 1.92 -1.19 24.14
CA LEU A 23 1.28 -1.15 22.80
C LEU A 23 1.63 -2.42 22.01
N ILE A 24 0.64 -3.18 21.57
CA ILE A 24 0.79 -4.37 20.67
C ILE A 24 0.28 -4.02 19.24
N ILE A 25 1.17 -4.11 18.24
CA ILE A 25 0.85 -3.82 16.81
C ILE A 25 0.96 -5.11 16.02
N TYR A 26 -0.08 -5.47 15.27
CA TYR A 26 0.06 -6.41 14.16
C TYR A 26 0.17 -5.59 12.88
N SER A 27 1.31 -5.72 12.23
CA SER A 27 1.53 -4.94 10.99
C SER A 27 2.17 -5.73 9.83
N SER A 28 1.77 -5.41 8.60
CA SER A 28 2.34 -5.97 7.36
C SER A 28 3.58 -5.15 6.95
N THR A 29 3.81 -4.00 7.56
CA THR A 29 4.97 -3.16 7.22
C THR A 29 6.21 -3.85 7.78
N ASP A 30 7.16 -4.22 6.93
CA ASP A 30 8.46 -4.81 7.39
C ASP A 30 9.03 -4.02 8.57
N GLN A 31 9.53 -4.70 9.59
CA GLN A 31 10.01 -4.04 10.85
C GLN A 31 11.15 -3.09 10.50
N SER A 32 12.04 -3.47 9.59
CA SER A 32 13.19 -2.61 9.31
C SER A 32 12.72 -1.32 8.63
N SER A 33 11.56 -1.30 7.95
CA SER A 33 10.94 -0.09 7.40
C SER A 33 10.24 0.69 8.52
N ALA A 34 9.61 0.03 9.48
CA ALA A 34 8.82 0.68 10.55
C ALA A 34 9.78 1.16 11.64
N GLN A 35 11.04 0.70 11.66
CA GLN A 35 11.85 0.84 12.89
C GLN A 35 11.95 2.30 13.31
N ALA A 36 12.33 3.14 12.37
CA ALA A 36 12.55 4.59 12.56
C ALA A 36 11.30 5.20 13.19
N LEU A 37 10.11 4.78 12.79
CA LEU A 37 8.84 5.30 13.36
C LEU A 37 8.67 4.83 14.80
N LEU A 38 8.94 3.56 15.07
CA LEU A 38 8.86 2.99 16.44
C LEU A 38 9.82 3.73 17.35
N ASP A 39 11.08 3.89 16.90
CA ASP A 39 12.10 4.56 17.75
C ASP A 39 11.65 6.01 18.00
N ASP A 40 11.12 6.69 16.99
CA ASP A 40 10.73 8.11 17.14
C ASP A 40 9.49 8.23 18.07
N PHE A 41 8.51 7.33 17.92
CA PHE A 41 7.32 7.28 18.78
C PHE A 41 7.79 7.16 20.24
N ARG A 42 8.72 6.23 20.49
CA ARG A 42 9.27 5.99 21.85
C ARG A 42 9.97 7.26 22.36
N LYS A 43 10.66 8.04 21.55
CA LYS A 43 11.27 9.33 22.00
C LYS A 43 10.16 10.28 22.47
N LEU A 44 9.02 10.30 21.80
CA LEU A 44 7.87 11.16 22.17
C LEU A 44 7.23 10.59 23.44
N TYR A 45 7.04 9.26 23.51
CA TYR A 45 6.27 8.61 24.60
C TYR A 45 7.13 7.49 25.20
N PRO A 46 8.21 7.89 25.89
CA PRO A 46 9.22 6.91 26.32
C PRO A 46 8.65 6.00 27.42
N PHE A 47 7.41 6.18 27.80
CA PHE A 47 6.77 5.41 28.90
C PHE A 47 5.97 4.24 28.32
N ILE A 48 5.99 4.07 26.99
CA ILE A 48 5.21 3.01 26.27
C ILE A 48 6.18 1.95 25.73
N GLN A 49 5.88 0.70 26.08
CA GLN A 49 6.64 -0.46 25.60
C GLN A 49 5.89 -1.03 24.40
N ILE A 50 6.57 -1.18 23.26
CA ILE A 50 5.95 -1.63 22.00
C ILE A 50 6.30 -3.08 21.69
N GLU A 51 5.31 -3.83 21.30
CA GLU A 51 5.46 -5.17 20.70
C GLU A 51 5.06 -5.10 19.23
N TYR A 52 6.04 -5.07 18.35
CA TYR A 52 5.74 -4.99 16.89
C TYR A 52 5.77 -6.40 16.36
N ASN A 53 4.67 -6.83 15.77
CA ASN A 53 4.48 -8.14 15.15
C ASN A 53 4.35 -7.86 13.68
N ASP A 54 5.38 -8.24 12.91
CA ASP A 54 5.46 -8.07 11.45
C ASP A 54 4.97 -9.37 10.85
N LEU A 55 3.83 -9.35 10.16
CA LEU A 55 3.12 -10.60 9.75
C LEU A 55 2.68 -10.44 8.32
N GLY A 56 2.43 -11.52 7.60
CA GLY A 56 1.79 -11.49 6.30
C GLY A 56 0.37 -10.91 6.48
N THR A 57 -0.21 -10.42 5.43
CA THR A 57 -1.54 -9.74 5.53
C THR A 57 -2.60 -10.80 5.88
N GLN A 58 -2.53 -12.02 5.35
CA GLN A 58 -3.48 -13.11 5.76
C GLN A 58 -3.26 -13.46 7.22
N ALA A 59 -2.02 -13.63 7.66
CA ALA A 59 -1.71 -13.95 9.07
C ALA A 59 -2.38 -12.95 9.99
N ILE A 60 -2.27 -11.66 9.65
CA ILE A 60 -2.83 -10.61 10.54
C ILE A 60 -4.33 -10.87 10.76
N TYR A 61 -5.06 -11.13 9.70
CA TYR A 61 -6.54 -11.27 9.67
C TYR A 61 -6.92 -12.54 10.45
N ASP A 62 -6.22 -13.63 10.20
CA ASP A 62 -6.54 -14.93 10.86
C ASP A 62 -6.18 -14.87 12.33
N ARG A 63 -5.01 -14.36 12.59
CA ARG A 63 -4.60 -14.31 13.99
C ARG A 63 -5.54 -13.42 14.79
N PHE A 64 -5.84 -12.23 14.29
CA PHE A 64 -6.70 -11.28 15.01
C PHE A 64 -8.11 -11.86 15.24
N VAL A 65 -8.67 -12.48 14.23
CA VAL A 65 -10.04 -13.07 14.24
C VAL A 65 -10.03 -14.22 15.29
N SER A 66 -9.00 -15.09 15.26
CA SER A 66 -8.82 -16.16 16.30
C SER A 66 -8.82 -15.62 17.74
N GLU A 67 -7.86 -14.75 18.04
CA GLU A 67 -7.70 -14.29 19.46
C GLU A 67 -9.01 -13.65 19.93
N THR A 68 -9.65 -12.85 19.05
CA THR A 68 -10.81 -12.07 19.50
C THR A 68 -11.92 -13.08 19.88
N ALA A 69 -12.15 -14.07 19.02
CA ALA A 69 -13.19 -15.13 19.06
C ALA A 69 -12.96 -16.08 20.24
N ALA A 70 -11.71 -16.48 20.48
CA ALA A 70 -11.32 -17.25 21.69
C ALA A 70 -11.36 -16.33 22.91
N GLY A 71 -11.46 -15.03 22.72
CA GLY A 71 -11.57 -14.10 23.85
C GLY A 71 -10.22 -13.75 24.39
N ALA A 72 -9.16 -14.06 23.66
CA ALA A 72 -7.77 -13.83 24.09
C ALA A 72 -7.43 -12.34 23.94
N SER A 73 -6.41 -11.89 24.66
CA SER A 73 -5.76 -10.57 24.42
C SER A 73 -5.14 -10.63 23.02
N SER A 74 -5.44 -9.65 22.18
CA SER A 74 -4.89 -9.55 20.81
C SER A 74 -4.15 -8.23 20.68
N ALA A 75 -4.03 -7.74 19.44
CA ALA A 75 -3.38 -6.46 19.10
C ALA A 75 -4.17 -5.28 19.66
N ASP A 76 -3.47 -4.18 19.96
CA ASP A 76 -4.11 -2.87 20.19
C ASP A 76 -4.42 -2.27 18.79
N LEU A 77 -3.53 -2.44 17.83
CA LEU A 77 -3.58 -1.69 16.52
C LEU A 77 -3.19 -2.62 15.40
N LEU A 78 -3.98 -2.54 14.33
CA LEU A 78 -3.82 -3.38 13.15
C LEU A 78 -3.44 -2.38 12.03
N TRP A 79 -2.36 -2.68 11.32
CA TRP A 79 -1.81 -1.82 10.24
C TRP A 79 -1.46 -2.68 9.02
N SER A 80 -2.28 -2.66 7.96
CA SER A 80 -2.09 -3.64 6.88
C SER A 80 -2.33 -3.04 5.52
N SER A 81 -1.54 -3.47 4.52
CA SER A 81 -1.78 -3.14 3.11
C SER A 81 -2.93 -3.95 2.48
N ALA A 82 -3.50 -4.93 3.13
CA ALA A 82 -4.69 -5.63 2.58
C ALA A 82 -5.92 -4.78 2.89
N MET A 83 -6.28 -3.89 1.97
CA MET A 83 -7.33 -2.88 2.21
C MET A 83 -8.68 -3.61 2.45
N GLU A 84 -9.03 -4.56 1.59
CA GLU A 84 -10.33 -5.26 1.67
C GLU A 84 -10.43 -5.99 3.00
N LEU A 85 -9.39 -6.65 3.46
CA LEU A 85 -9.51 -7.33 4.76
C LEU A 85 -9.59 -6.34 5.92
N GLN A 86 -8.83 -5.25 5.89
CA GLN A 86 -8.90 -4.28 7.00
C GLN A 86 -10.32 -3.66 7.01
N VAL A 87 -10.82 -3.30 5.85
CA VAL A 87 -12.16 -2.63 5.74
C VAL A 87 -13.24 -3.62 6.13
N LYS A 88 -13.00 -4.91 5.85
CA LYS A 88 -13.95 -5.95 6.27
C LYS A 88 -13.96 -6.01 7.79
N LEU A 89 -12.82 -6.14 8.43
CA LEU A 89 -12.84 -6.17 9.91
C LEU A 89 -13.52 -4.88 10.48
N ALA A 90 -13.13 -3.72 9.99
CA ALA A 90 -13.56 -2.44 10.57
C ALA A 90 -15.05 -2.23 10.33
N SER A 91 -15.68 -2.97 9.41
CA SER A 91 -17.15 -2.84 9.12
C SER A 91 -17.89 -4.08 9.64
N GLU A 92 -17.27 -4.83 10.54
CA GLU A 92 -17.93 -6.00 11.19
C GLU A 92 -17.79 -5.98 12.72
N GLY A 93 -17.39 -4.88 13.34
CA GLY A 93 -17.40 -4.71 14.80
C GLY A 93 -16.05 -4.90 15.46
N TYR A 94 -14.98 -5.01 14.69
CA TYR A 94 -13.62 -5.23 15.22
C TYR A 94 -12.94 -3.90 15.58
N ALA A 95 -13.47 -2.75 15.12
CA ALA A 95 -12.74 -1.47 15.24
C ALA A 95 -13.26 -0.61 16.40
N LEU A 96 -12.35 0.04 17.14
CA LEU A 96 -12.63 1.09 18.17
C LEU A 96 -12.94 2.37 17.41
N PRO A 97 -14.15 2.97 17.55
CA PRO A 97 -14.41 4.25 16.91
C PRO A 97 -13.58 5.32 17.63
N TYR A 98 -12.83 6.09 16.89
CA TYR A 98 -11.90 7.13 17.41
C TYR A 98 -11.71 8.16 16.32
N ASP A 99 -12.07 9.40 16.61
CA ASP A 99 -11.93 10.52 15.66
C ASP A 99 -10.51 11.08 15.79
N SER A 100 -9.58 10.73 14.91
CA SER A 100 -8.15 11.15 15.08
C SER A 100 -8.02 12.67 14.94
N PRO A 101 -7.47 13.38 15.95
CA PRO A 101 -7.25 14.81 15.80
C PRO A 101 -6.17 15.15 14.74
N GLU A 102 -5.43 14.17 14.21
CA GLU A 102 -4.41 14.39 13.15
C GLU A 102 -5.04 14.17 11.77
N ALA A 103 -6.27 13.66 11.70
CA ALA A 103 -6.93 13.30 10.42
C ALA A 103 -8.01 14.33 10.04
N LYS A 104 -8.01 15.55 10.62
CA LYS A 104 -9.08 16.54 10.28
C LYS A 104 -9.12 16.81 8.79
N ASN A 105 -8.02 16.93 8.10
CA ASN A 105 -8.08 17.13 6.63
C ASN A 105 -8.00 15.86 5.80
N TRP A 106 -8.14 14.66 6.36
CA TRP A 106 -8.19 13.42 5.54
C TRP A 106 -9.41 13.52 4.63
N PRO A 107 -9.26 13.20 3.36
CA PRO A 107 -10.44 13.10 2.52
C PRO A 107 -11.37 11.99 3.01
N ALA A 108 -12.69 12.17 2.80
CA ALA A 108 -13.67 11.14 3.24
C ALA A 108 -13.31 9.77 2.68
N ASN A 109 -12.67 9.68 1.53
CA ASN A 109 -12.32 8.37 0.92
C ASN A 109 -11.01 7.83 1.45
N ALA A 110 -10.36 8.50 2.41
CA ALA A 110 -9.15 8.03 3.11
C ALA A 110 -9.48 7.58 4.55
N ARG A 111 -10.75 7.47 4.93
CA ARG A 111 -11.14 7.11 6.33
C ARG A 111 -12.51 6.43 6.25
N LEU A 112 -12.67 5.38 7.04
CA LEU A 112 -13.98 4.72 7.15
C LEU A 112 -14.73 5.40 8.30
N GLY A 113 -15.09 6.68 8.13
CA GLY A 113 -15.69 7.51 9.18
C GLY A 113 -14.69 7.63 10.36
N ASN A 114 -15.07 7.09 11.51
CA ASN A 114 -14.18 7.04 12.70
C ASN A 114 -13.68 5.62 12.96
N LEU A 115 -13.74 4.70 12.00
CA LEU A 115 -13.41 3.27 12.24
C LEU A 115 -12.00 2.92 11.77
N ALA A 116 -11.49 3.55 10.72
CA ALA A 116 -10.20 3.13 10.13
C ALA A 116 -9.64 4.28 9.27
N TYR A 117 -8.32 4.32 9.12
CA TYR A 117 -7.63 5.46 8.46
C TYR A 117 -6.62 4.95 7.45
N SER A 118 -6.54 5.61 6.33
CA SER A 118 -5.36 5.55 5.43
C SER A 118 -4.14 6.05 6.13
N THR A 119 -2.99 5.43 5.89
CA THR A 119 -1.68 5.92 6.36
C THR A 119 -0.74 6.16 5.20
N THR A 120 -1.10 5.82 3.96
CA THR A 120 -0.19 5.91 2.81
C THR A 120 -1.00 6.19 1.53
N LEU A 121 -0.32 6.63 0.49
CA LEU A 121 -0.95 6.79 -0.84
C LEU A 121 0.05 6.31 -1.90
N GLU A 122 0.10 4.99 -2.08
CA GLU A 122 1.24 4.34 -2.80
C GLU A 122 0.84 3.97 -4.21
N PRO A 123 1.53 4.57 -5.21
CA PRO A 123 1.15 4.34 -6.59
C PRO A 123 1.69 3.02 -7.13
N ALA A 124 0.90 2.39 -7.96
CA ALA A 124 1.34 1.24 -8.78
C ALA A 124 2.04 1.80 -10.01
N VAL A 125 3.29 1.43 -10.15
CA VAL A 125 4.23 2.07 -11.12
C VAL A 125 4.78 1.01 -12.08
N VAL A 126 5.58 1.45 -13.04
CA VAL A 126 6.42 0.58 -13.91
C VAL A 126 7.83 0.64 -13.39
N VAL A 127 8.43 -0.52 -13.19
CA VAL A 127 9.90 -0.49 -12.94
CA VAL A 127 9.88 -0.62 -12.86
C VAL A 127 10.61 -1.20 -14.08
N TYR A 128 11.85 -0.79 -14.34
CA TYR A 128 12.56 -1.35 -15.50
C TYR A 128 14.08 -1.36 -15.26
N ASN A 129 14.76 -2.17 -16.05
CA ASN A 129 16.24 -2.31 -15.96
C ASN A 129 16.86 -1.35 -16.98
N LYS A 130 17.51 -0.30 -16.52
CA LYS A 130 18.01 0.79 -17.41
C LYS A 130 19.15 0.29 -18.34
N ARG A 131 19.78 -0.84 -18.02
CA ARG A 131 20.76 -1.52 -18.92
C ARG A 131 20.05 -2.07 -20.16
N PHE A 132 18.76 -2.37 -20.12
CA PHE A 132 18.03 -2.97 -21.26
C PHE A 132 17.02 -2.01 -21.88
N LEU A 133 16.42 -1.13 -21.09
CA LEU A 133 15.43 -0.15 -21.61
C LEU A 133 15.85 1.22 -21.09
N LYS A 134 15.98 2.19 -21.96
CA LYS A 134 16.31 3.59 -21.62
C LYS A 134 15.03 4.28 -21.23
N PRO A 135 15.07 5.25 -20.29
CA PRO A 135 13.86 5.93 -19.84
C PRO A 135 12.96 6.42 -21.00
N GLU A 136 13.55 6.97 -22.06
CA GLU A 136 12.74 7.55 -23.15
C GLU A 136 12.00 6.44 -23.90
N GLU A 137 12.32 5.16 -23.75
CA GLU A 137 11.54 4.14 -24.49
C GLU A 137 10.59 3.37 -23.59
N VAL A 138 10.49 3.77 -22.33
CA VAL A 138 9.53 3.18 -21.41
C VAL A 138 8.25 4.02 -21.46
N PRO A 139 7.16 3.42 -21.98
CA PRO A 139 5.92 4.12 -22.21
C PRO A 139 5.31 4.41 -20.84
N THR A 140 4.52 5.47 -20.77
CA THR A 140 3.83 5.83 -19.50
C THR A 140 2.32 5.74 -19.67
N THR A 141 1.86 4.97 -20.66
CA THR A 141 0.42 4.66 -20.78
C THR A 141 0.21 3.17 -21.03
N ARG A 142 -0.98 2.67 -20.66
CA ARG A 142 -1.32 1.26 -20.91
C ARG A 142 -1.27 0.94 -22.40
N GLU A 143 -1.81 1.82 -23.23
CA GLU A 143 -1.78 1.58 -24.69
C GLU A 143 -0.32 1.50 -25.14
N GLY A 144 0.50 2.45 -24.68
CA GLY A 144 1.95 2.45 -25.01
C GLY A 144 2.65 1.16 -24.59
N LEU A 145 2.39 0.70 -23.37
CA LEU A 145 3.01 -0.54 -22.89
C LEU A 145 2.52 -1.71 -23.72
N ALA A 146 1.25 -1.68 -24.15
CA ALA A 146 0.69 -2.78 -24.93
C ALA A 146 1.46 -2.86 -26.24
N ARG A 147 1.80 -1.70 -26.81
CA ARG A 147 2.57 -1.59 -28.10
CA ARG A 147 2.55 -1.66 -28.09
C ARG A 147 3.99 -2.16 -27.89
N LEU A 148 4.68 -1.71 -26.85
CA LEU A 148 6.05 -2.18 -26.55
C LEU A 148 6.08 -3.71 -26.46
N LEU A 149 5.09 -4.30 -25.79
CA LEU A 149 5.04 -5.76 -25.56
C LEU A 149 4.70 -6.53 -26.82
N GLN A 150 4.43 -5.88 -27.97
CA GLN A 150 4.36 -6.61 -29.26
C GLN A 150 5.77 -6.95 -29.77
N GLU A 151 6.81 -6.31 -29.26
CA GLU A 151 8.17 -6.47 -29.84
C GLU A 151 8.74 -7.80 -29.38
N PRO A 152 9.27 -8.60 -30.32
CA PRO A 152 9.98 -9.83 -30.02
C PRO A 152 11.07 -9.65 -28.98
N ARG A 153 11.72 -8.47 -28.84
CA ARG A 153 12.78 -8.34 -27.82
C ARG A 153 12.15 -8.33 -26.41
N MET A 154 10.83 -8.17 -26.28
CA MET A 154 10.15 -8.11 -24.99
C MET A 154 9.57 -9.47 -24.58
N ARG A 155 9.61 -10.50 -25.43
CA ARG A 155 9.02 -11.82 -25.15
C ARG A 155 9.79 -12.47 -23.97
N GLY A 156 9.06 -12.77 -22.89
CA GLY A 156 9.62 -13.31 -21.64
C GLY A 156 10.39 -12.27 -20.86
N ARG A 157 10.23 -10.99 -21.17
CA ARG A 157 10.97 -9.91 -20.51
C ARG A 157 10.05 -9.04 -19.65
N VAL A 158 8.86 -9.54 -19.33
CA VAL A 158 7.90 -8.72 -18.59
C VAL A 158 7.44 -9.45 -17.33
N ALA A 159 7.36 -8.71 -16.24
CA ALA A 159 6.76 -9.20 -14.96
C ALA A 159 5.54 -8.37 -14.58
N THR A 160 4.57 -9.04 -13.92
CA THR A 160 3.47 -8.39 -13.25
C THR A 160 2.98 -9.30 -12.12
N TRP A 161 1.91 -8.90 -11.48
CA TRP A 161 1.30 -9.69 -10.41
C TRP A 161 0.63 -10.94 -10.93
N ASP A 162 0.60 -11.97 -10.10
CA ASP A 162 -0.40 -13.04 -10.21
C ASP A 162 -1.56 -12.70 -9.28
N PRO A 163 -2.68 -12.14 -9.80
CA PRO A 163 -3.82 -11.81 -8.92
C PRO A 163 -4.55 -13.02 -8.33
N GLU A 164 -4.19 -14.24 -8.73
CA GLU A 164 -4.76 -15.47 -8.14
C GLU A 164 -3.89 -15.91 -6.94
N ARG A 165 -2.78 -15.26 -6.68
CA ARG A 165 -1.86 -15.74 -5.61
C ARG A 165 -1.49 -14.56 -4.72
N SER A 166 -1.81 -13.35 -5.10
CA SER A 166 -1.52 -12.17 -4.25
C SER A 166 -2.83 -11.44 -4.07
N ALA A 167 -3.25 -11.23 -2.82
CA ALA A 167 -4.36 -10.30 -2.48
C ALA A 167 -4.03 -8.87 -2.88
N VAL A 168 -2.82 -8.35 -2.62
CA VAL A 168 -2.54 -6.96 -3.02
C VAL A 168 -2.49 -6.89 -4.57
N GLY A 169 -1.89 -7.88 -5.22
CA GLY A 169 -1.80 -7.92 -6.69
C GLY A 169 -3.22 -7.88 -7.28
N PHE A 170 -4.13 -8.72 -6.72
CA PHE A 170 -5.55 -8.67 -7.09
C PHE A 170 -6.12 -7.26 -6.93
N THR A 171 -5.95 -6.62 -5.77
CA THR A 171 -6.55 -5.31 -5.55
C THR A 171 -6.09 -4.38 -6.66
N ILE A 172 -4.76 -4.39 -6.90
CA ILE A 172 -4.17 -3.39 -7.83
C ILE A 172 -4.70 -3.69 -9.25
N LEU A 173 -4.66 -4.93 -9.71
CA LEU A 173 -4.98 -5.20 -11.13
C LEU A 173 -6.49 -5.04 -11.31
N LYS A 174 -7.28 -5.47 -10.31
CA LYS A 174 -8.74 -5.25 -10.37
C LYS A 174 -9.08 -3.76 -10.42
N ALA A 175 -8.43 -2.90 -9.65
CA ALA A 175 -8.70 -1.45 -9.67
C ALA A 175 -8.38 -0.94 -11.06
N ASP A 176 -7.28 -1.44 -11.62
CA ASP A 176 -6.85 -1.07 -12.99
C ASP A 176 -7.93 -1.48 -14.00
N TYR A 177 -8.33 -2.75 -14.00
CA TYR A 177 -9.38 -3.26 -14.87
C TYR A 177 -10.70 -2.47 -14.74
N ASP A 178 -11.17 -2.19 -13.54
CA ASP A 178 -12.45 -1.46 -13.28
C ASP A 178 -12.39 0.00 -13.78
N ARG A 179 -11.24 0.64 -13.76
CA ARG A 179 -11.05 2.09 -14.02
C ARG A 179 -10.58 2.39 -15.47
N PHE A 180 -9.71 1.57 -16.08
CA PHE A 180 -9.08 1.93 -17.37
C PHE A 180 -9.38 0.90 -18.44
N PRO A 181 -10.23 1.22 -19.43
CA PRO A 181 -10.47 0.30 -20.53
C PRO A 181 -9.19 -0.20 -21.20
N ALA A 182 -8.16 0.68 -21.28
CA ALA A 182 -6.91 0.30 -21.98
C ALA A 182 -6.22 -0.88 -21.25
N PHE A 183 -6.56 -1.12 -19.99
CA PHE A 183 -5.99 -2.26 -19.23
C PHE A 183 -6.30 -3.54 -19.97
N GLN A 184 -7.45 -3.64 -20.66
CA GLN A 184 -7.79 -4.90 -21.39
C GLN A 184 -6.77 -5.18 -22.51
N GLU A 185 -6.40 -4.15 -23.25
CA GLU A 185 -5.39 -4.28 -24.32
C GLU A 185 -4.02 -4.69 -23.74
N LEU A 186 -3.66 -4.10 -22.59
CA LEU A 186 -2.40 -4.36 -21.88
C LEU A 186 -2.39 -5.82 -21.38
N ALA A 187 -3.51 -6.30 -20.84
CA ALA A 187 -3.55 -7.70 -20.31
C ALA A 187 -3.33 -8.66 -21.49
N ARG A 188 -3.97 -8.39 -22.64
CA ARG A 188 -3.75 -9.24 -23.82
C ARG A 188 -2.30 -9.16 -24.25
N ALA A 189 -1.66 -8.00 -24.14
CA ALA A 189 -0.22 -7.83 -24.45
C ALA A 189 0.64 -8.62 -23.46
N PHE A 190 0.24 -8.72 -22.19
CA PHE A 190 0.97 -9.64 -21.25
C PHE A 190 0.97 -11.04 -21.81
N GLY A 191 -0.16 -11.49 -22.37
CA GLY A 191 -0.27 -12.78 -23.07
C GLY A 191 0.77 -12.84 -24.19
N LYS A 192 0.79 -11.85 -25.06
CA LYS A 192 1.64 -11.88 -26.30
C LYS A 192 3.10 -11.95 -25.84
N ALA A 193 3.43 -11.21 -24.80
CA ALA A 193 4.81 -11.10 -24.29
C ALA A 193 5.18 -12.27 -23.36
N GLN A 194 4.24 -13.16 -23.05
CA GLN A 194 4.48 -14.31 -22.14
C GLN A 194 4.95 -13.75 -20.79
N ALA A 195 4.22 -12.75 -20.26
CA ALA A 195 4.52 -12.12 -18.96
C ALA A 195 4.65 -13.22 -17.91
N ALA A 196 5.60 -13.08 -16.99
CA ALA A 196 5.67 -14.02 -15.85
C ALA A 196 4.96 -13.33 -14.71
N LEU A 197 4.13 -14.09 -13.99
CA LEU A 197 3.31 -13.59 -12.86
C LEU A 197 3.96 -13.98 -11.52
N TYR A 198 3.93 -13.03 -10.59
CA TYR A 198 4.64 -13.14 -9.29
C TYR A 198 3.67 -12.89 -8.16
N SER A 199 3.84 -13.64 -7.07
CA SER A 199 3.01 -13.51 -5.87
C SER A 199 3.70 -12.49 -4.99
N SER A 200 4.93 -12.11 -5.31
CA SER A 200 5.71 -11.21 -4.42
C SER A 200 6.49 -10.18 -5.23
N THR A 201 6.50 -8.95 -4.72
CA THR A 201 7.30 -7.85 -5.27
C THR A 201 8.75 -8.29 -5.31
N GLY A 202 9.27 -8.91 -4.23
CA GLY A 202 10.70 -9.25 -4.27
C GLY A 202 11.08 -10.24 -5.37
N ALA A 203 10.20 -11.20 -5.66
CA ALA A 203 10.52 -12.23 -6.68
C ALA A 203 10.51 -11.53 -8.04
N ALA A 204 9.59 -10.59 -8.22
CA ALA A 204 9.51 -9.85 -9.54
C ALA A 204 10.74 -8.96 -9.67
N PHE A 205 11.06 -8.20 -8.63
CA PHE A 205 12.17 -7.22 -8.71
C PHE A 205 13.51 -7.93 -8.95
N GLU A 206 13.71 -9.09 -8.32
CA GLU A 206 14.99 -9.86 -8.49
C GLU A 206 15.28 -10.10 -9.97
N LYS A 207 14.29 -10.56 -10.70
CA LYS A 207 14.35 -10.97 -12.12
C LYS A 207 14.59 -9.72 -12.98
N VAL A 208 14.04 -8.57 -12.61
CA VAL A 208 14.29 -7.28 -13.36
C VAL A 208 15.75 -6.87 -13.10
N ILE A 209 16.19 -6.92 -11.86
CA ILE A 209 17.58 -6.49 -11.49
C ILE A 209 18.56 -7.40 -12.25
N SER A 210 18.26 -8.67 -12.40
CA SER A 210 19.15 -9.68 -13.05
C SER A 210 19.14 -9.47 -14.54
N GLY A 211 18.12 -8.80 -15.09
CA GLY A 211 18.04 -8.66 -16.54
C GLY A 211 17.29 -9.82 -17.19
N GLU A 212 16.81 -10.77 -16.41
CA GLU A 212 15.95 -11.84 -16.95
C GLU A 212 14.58 -11.28 -17.41
N HIS A 213 14.04 -10.31 -16.68
CA HIS A 213 12.98 -9.38 -17.19
C HIS A 213 13.59 -8.02 -17.33
N TYR A 214 13.06 -7.18 -18.23
CA TYR A 214 13.47 -5.77 -18.40
C TYR A 214 12.46 -4.84 -17.72
N LEU A 215 11.23 -5.29 -17.46
CA LEU A 215 10.13 -4.39 -17.02
C LEU A 215 9.18 -5.18 -16.18
N ALA A 216 8.66 -4.53 -15.15
CA ALA A 216 7.64 -5.07 -14.26
C ALA A 216 6.51 -4.03 -14.16
N TYR A 217 5.28 -4.47 -14.24
CA TYR A 217 4.10 -3.57 -14.19
C TYR A 217 3.33 -3.76 -12.88
N GLY A 218 3.01 -2.67 -12.15
CA GLY A 218 1.92 -2.66 -11.14
C GLY A 218 2.41 -2.79 -9.69
N PHE A 219 3.70 -2.78 -9.48
CA PHE A 219 4.34 -2.89 -8.14
C PHE A 219 4.37 -1.50 -7.48
N PHE A 220 4.47 -1.47 -6.16
CA PHE A 220 4.33 -0.21 -5.39
C PHE A 220 5.54 0.68 -5.63
N GLY A 221 5.34 1.97 -5.80
CA GLY A 221 6.46 2.90 -5.91
C GLY A 221 7.33 2.90 -4.65
N SER A 222 6.76 2.68 -3.47
CA SER A 222 7.49 2.60 -2.19
C SER A 222 8.61 1.55 -2.29
N PHE A 223 8.31 0.35 -2.78
CA PHE A 223 9.31 -0.74 -2.84
C PHE A 223 10.34 -0.35 -3.90
N ALA A 224 9.86 0.21 -5.04
CA ALA A 224 10.75 0.60 -6.15
C ALA A 224 11.76 1.61 -5.62
N LEU A 225 11.29 2.67 -4.97
CA LEU A 225 12.21 3.70 -4.40
C LEU A 225 13.20 3.09 -3.42
N LEU A 226 12.70 2.26 -2.49
CA LEU A 226 13.54 1.58 -1.47
C LEU A 226 14.65 0.78 -2.19
N ARG A 227 14.33 0.02 -3.24
CA ARG A 227 15.34 -0.81 -3.92
C ARG A 227 16.34 0.06 -4.70
N GLN A 228 15.87 1.19 -5.20
CA GLN A 228 16.68 2.13 -6.02
C GLN A 228 17.82 2.77 -5.25
N ARG A 229 17.59 3.01 -3.97
CA ARG A 229 18.60 3.48 -2.99
C ARG A 229 19.84 2.58 -3.19
N THR A 230 19.66 1.26 -3.23
CA THR A 230 20.68 0.18 -3.37
C THR A 230 21.13 0.00 -4.84
N VAL A 231 20.25 0.13 -5.84
CA VAL A 231 20.37 -0.40 -7.24
C VAL A 231 20.14 0.74 -8.25
N LYS A 232 21.24 1.31 -8.74
CA LYS A 232 21.18 2.49 -9.65
C LYS A 232 20.64 2.09 -11.05
N ASP A 233 20.51 0.79 -11.36
CA ASP A 233 20.02 0.33 -12.68
C ASP A 233 18.50 0.16 -12.67
N LEU A 234 17.88 0.36 -11.52
CA LEU A 234 16.40 0.26 -11.42
C LEU A 234 15.76 1.59 -11.82
N GLY A 235 15.00 1.62 -12.91
CA GLY A 235 14.24 2.84 -13.30
C GLY A 235 12.78 2.74 -12.84
N ILE A 236 12.16 3.87 -12.57
CA ILE A 236 10.73 3.96 -12.24
C ILE A 236 10.08 4.85 -13.28
N ALA A 237 8.97 4.39 -13.85
CA ALA A 237 8.12 5.22 -14.70
C ALA A 237 6.73 5.33 -14.10
N TYR A 238 6.18 6.54 -14.06
CA TYR A 238 4.81 6.75 -13.54
C TYR A 238 3.87 6.83 -14.73
N LEU A 239 2.74 6.16 -14.63
CA LEU A 239 1.69 6.19 -15.66
C LEU A 239 0.97 7.55 -15.68
N THR A 240 0.89 8.10 -16.86
CA THR A 240 0.30 9.42 -17.11
C THR A 240 -1.15 9.30 -17.62
N ASP A 241 -1.62 8.13 -18.02
CA ASP A 241 -3.04 7.94 -18.46
C ASP A 241 -3.86 7.56 -17.24
N GLY A 242 -3.25 7.39 -16.06
CA GLY A 242 -4.02 7.10 -14.84
C GLY A 242 -3.24 6.17 -13.95
N THR A 243 -3.14 6.48 -12.67
CA THR A 243 -2.36 5.66 -11.72
C THR A 243 -3.31 5.23 -10.60
N VAL A 244 -3.30 3.96 -10.28
CA VAL A 244 -4.00 3.30 -9.14
CA VAL A 244 -4.07 3.51 -9.08
C VAL A 244 -3.11 3.51 -7.89
N ALA A 245 -3.64 3.89 -6.76
CA ALA A 245 -2.82 3.97 -5.52
C ALA A 245 -3.51 3.21 -4.39
N ILE A 246 -2.71 2.46 -3.67
CA ILE A 246 -3.12 1.63 -2.51
CA ILE A 246 -3.18 1.67 -2.49
C ILE A 246 -2.92 2.52 -1.25
N GLN A 247 -3.68 2.25 -0.20
CA GLN A 247 -3.57 2.98 1.08
C GLN A 247 -3.47 1.90 2.16
N ARG A 248 -2.39 1.85 2.91
CA ARG A 248 -2.29 0.95 4.08
C ARG A 248 -3.26 1.46 5.14
N VAL A 249 -4.08 0.58 5.65
CA VAL A 249 -5.17 0.95 6.60
C VAL A 249 -4.76 0.55 8.02
N ALA A 250 -4.91 1.50 8.93
CA ALA A 250 -4.76 1.31 10.38
C ALA A 250 -6.10 1.49 11.05
N PHE A 251 -6.34 0.62 12.04
CA PHE A 251 -7.45 0.80 13.00
C PHE A 251 -7.08 0.19 14.34
N ILE A 252 -7.81 0.68 15.32
CA ILE A 252 -7.56 0.28 16.72
C ILE A 252 -8.54 -0.84 16.99
N ASN A 253 -8.08 -1.90 17.66
CA ASN A 253 -8.93 -3.01 18.13
C ASN A 253 -10.00 -2.48 19.10
N LYS A 254 -11.28 -2.70 18.80
CA LYS A 254 -12.44 -2.45 19.72
C LYS A 254 -12.07 -2.98 21.13
N ARG A 255 -11.41 -4.11 21.19
CA ARG A 255 -11.08 -4.76 22.48
C ARG A 255 -9.62 -4.51 22.88
N ALA A 256 -8.91 -3.56 22.30
CA ALA A 256 -7.54 -3.23 22.78
C ALA A 256 -7.52 -3.27 24.32
N ALA A 257 -6.51 -3.91 24.91
CA ALA A 257 -6.11 -3.79 26.36
C ALA A 257 -5.52 -2.40 26.55
N HIS A 258 -4.85 -1.86 25.50
CA HIS A 258 -4.24 -0.52 25.60
C HIS A 258 -4.82 0.41 24.54
N PRO A 259 -6.11 0.78 24.62
CA PRO A 259 -6.69 1.58 23.56
C PRO A 259 -6.03 2.96 23.52
N ASN A 260 -5.66 3.56 24.65
CA ASN A 260 -5.13 4.95 24.61
C ASN A 260 -3.72 4.99 23.98
N ALA A 261 -2.88 4.01 24.28
CA ALA A 261 -1.56 3.88 23.61
C ALA A 261 -1.76 3.75 22.09
N ALA A 262 -2.73 2.95 21.64
CA ALA A 262 -3.07 2.78 20.21
C ALA A 262 -3.56 4.11 19.59
N LYS A 263 -4.30 4.95 20.33
CA LYS A 263 -4.73 6.26 19.80
C LYS A 263 -3.47 7.07 19.57
N LEU A 264 -2.52 7.05 20.51
CA LEU A 264 -1.31 7.90 20.39
C LEU A 264 -0.52 7.46 19.16
N PHE A 265 -0.46 6.17 18.93
CA PHE A 265 0.36 5.64 17.82
C PHE A 265 -0.36 5.91 16.49
N LEU A 266 -1.67 5.67 16.45
CA LEU A 266 -2.48 6.02 15.23
C LEU A 266 -2.28 7.52 14.93
N ASP A 267 -2.43 8.38 15.96
CA ASP A 267 -2.23 9.83 15.73
C ASP A 267 -0.81 10.10 15.23
N TYR A 268 0.22 9.43 15.80
CA TYR A 268 1.61 9.60 15.36
C TYR A 268 1.68 9.21 13.88
N LEU A 269 1.12 8.05 13.46
CA LEU A 269 1.25 7.51 12.07
C LEU A 269 0.66 8.58 11.12
N LEU A 270 -0.41 9.24 11.51
CA LEU A 270 -1.12 10.21 10.64
C LEU A 270 -0.47 11.59 10.70
N SER A 271 0.24 11.93 11.78
CA SER A 271 0.81 13.28 11.96
C SER A 271 1.82 13.60 10.86
N LEU A 272 2.08 14.88 10.63
CA LEU A 272 3.19 15.31 9.75
C LEU A 272 4.51 14.72 10.29
N ARG A 273 4.74 14.71 11.60
CA ARG A 273 6.02 14.12 12.09
C ARG A 273 6.18 12.66 11.60
N GLY A 274 5.16 11.83 11.79
CA GLY A 274 5.22 10.41 11.41
C GLY A 274 5.23 10.20 9.90
N GLN A 275 4.40 10.91 9.20
CA GLN A 275 4.29 10.84 7.71
C GLN A 275 5.57 11.32 7.05
N ASN A 276 6.16 12.39 7.58
CA ASN A 276 7.44 12.92 7.08
C ASN A 276 8.53 11.85 7.29
N LEU A 277 8.60 11.24 8.47
CA LEU A 277 9.68 10.25 8.79
C LEU A 277 9.49 9.03 7.90
N MET A 278 8.22 8.62 7.72
CA MET A 278 7.90 7.45 6.87
C MET A 278 8.36 7.72 5.43
N ALA A 279 8.05 8.88 4.90
CA ALA A 279 8.44 9.21 3.53
C ALA A 279 9.97 9.28 3.40
N TYR A 280 10.59 9.95 4.33
CA TYR A 280 12.03 10.32 4.22
C TYR A 280 12.89 9.07 4.49
N THR A 281 12.60 8.29 5.53
CA THR A 281 13.49 7.17 5.96
C THR A 281 13.02 5.87 5.32
N ALA A 282 11.72 5.58 5.28
CA ALA A 282 11.19 4.30 4.77
C ALA A 282 10.96 4.36 3.26
N LEU A 283 10.86 5.57 2.66
CA LEU A 283 10.50 5.73 1.24
C LEU A 283 9.12 5.13 0.98
N ILE A 284 8.26 5.09 2.00
CA ILE A 284 6.82 4.78 1.85
C ILE A 284 6.03 6.05 1.49
N PHE A 285 5.34 6.02 0.38
CA PHE A 285 4.61 7.21 -0.11
C PHE A 285 3.56 7.62 0.90
N ALA A 286 3.70 8.84 1.43
CA ALA A 286 2.83 9.39 2.47
C ALA A 286 1.41 9.62 1.96
N ARG A 287 0.47 9.61 2.89
CA ARG A 287 -0.93 10.04 2.68
C ARG A 287 -0.99 11.59 2.82
N ARG A 288 -0.28 12.16 3.76
CA ARG A 288 -0.49 13.55 4.21
C ARG A 288 0.04 14.50 3.13
N GLU A 289 -0.77 15.45 2.66
CA GLU A 289 -0.38 16.20 1.43
CA GLU A 289 -0.47 16.28 1.46
C GLU A 289 0.68 17.26 1.72
N THR A 290 0.92 17.60 2.98
CA THR A 290 1.94 18.62 3.34
C THR A 290 3.37 18.07 3.42
N VAL A 291 3.59 16.76 3.24
CA VAL A 291 4.97 16.17 3.28
C VAL A 291 5.78 16.64 2.04
N VAL A 292 7.03 16.96 2.25
CA VAL A 292 7.94 17.41 1.16
C VAL A 292 8.86 16.23 0.88
N GLY A 293 8.98 15.84 -0.36
CA GLY A 293 10.05 14.92 -0.77
C GLY A 293 9.57 13.98 -1.84
N GLU A 294 10.36 12.97 -2.23
CA GLU A 294 10.01 12.14 -3.40
C GLU A 294 8.82 11.23 -3.11
N ALA A 295 8.70 10.64 -1.91
CA ALA A 295 7.63 9.65 -1.70
C ALA A 295 6.41 10.36 -1.06
N THR A 296 5.80 11.28 -1.84
CA THR A 296 4.75 12.16 -1.31
C THR A 296 3.67 12.37 -2.34
N PRO A 297 2.45 12.79 -1.91
CA PRO A 297 1.38 13.08 -2.84
C PRO A 297 1.80 14.16 -3.85
N GLN A 298 2.47 15.24 -3.43
CA GLN A 298 2.86 16.33 -4.36
C GLN A 298 3.79 15.79 -5.47
N ALA A 299 4.75 14.97 -5.09
CA ALA A 299 5.72 14.40 -6.05
C ALA A 299 4.98 13.46 -7.00
N LEU A 300 4.10 12.62 -6.48
CA LEU A 300 3.31 11.68 -7.28
C LEU A 300 2.46 12.43 -8.31
N TYR A 301 1.79 13.48 -7.83
CA TYR A 301 0.87 14.24 -8.71
C TYR A 301 1.72 14.89 -9.83
N LYS A 302 2.84 15.50 -9.52
CA LYS A 302 3.68 16.10 -10.59
C LYS A 302 4.14 15.01 -11.59
N ALA A 303 4.51 13.82 -11.13
CA ALA A 303 5.03 12.73 -11.98
C ALA A 303 3.92 12.23 -12.91
N VAL A 304 2.65 12.17 -12.46
CA VAL A 304 1.59 11.57 -13.32
C VAL A 304 0.90 12.64 -14.16
N GLY A 305 1.09 13.91 -13.89
CA GLY A 305 0.55 15.01 -14.70
C GLY A 305 -0.70 15.59 -14.05
N GLY A 306 -0.91 15.31 -12.78
CA GLY A 306 -1.87 16.01 -11.92
C GLY A 306 -2.63 15.07 -11.01
N LYS A 307 -3.14 15.62 -9.92
CA LYS A 307 -3.94 14.86 -8.96
C LYS A 307 -5.09 14.09 -9.61
N ASP A 308 -5.76 14.64 -10.64
CA ASP A 308 -6.91 13.97 -11.28
C ASP A 308 -6.47 12.67 -11.97
N LYS A 309 -5.17 12.38 -12.14
CA LYS A 309 -4.69 11.18 -12.84
C LYS A 309 -4.40 10.07 -11.83
N VAL A 310 -4.65 10.32 -10.52
CA VAL A 310 -4.44 9.30 -9.47
C VAL A 310 -5.84 8.84 -9.01
N TYR A 311 -6.09 7.54 -9.06
CA TYR A 311 -7.26 6.92 -8.43
C TYR A 311 -6.82 6.23 -7.14
N ALA A 312 -7.10 6.85 -6.00
CA ALA A 312 -6.84 6.22 -4.69
C ALA A 312 -7.89 5.13 -4.49
N ILE A 313 -7.47 3.90 -4.22
CA ILE A 313 -8.42 2.87 -3.81
C ILE A 313 -8.95 3.29 -2.45
N PRO A 314 -10.26 3.48 -2.32
CA PRO A 314 -10.79 4.14 -1.10
C PRO A 314 -10.79 3.23 0.12
N VAL A 315 -10.68 3.86 1.28
CA VAL A 315 -10.85 3.22 2.59
C VAL A 315 -12.37 3.23 2.84
N SER A 316 -13.06 2.27 2.21
CA SER A 316 -14.51 2.30 1.98
C SER A 316 -15.01 0.87 1.81
N THR A 317 -16.19 0.60 2.38
CA THR A 317 -16.90 -0.70 2.20
C THR A 317 -17.22 -0.88 0.71
N GLU A 318 -17.13 0.16 -0.13
CA GLU A 318 -17.40 -0.09 -1.57
C GLU A 318 -16.34 -1.06 -2.12
N ILE A 319 -15.16 -1.17 -1.50
CA ILE A 319 -14.09 -2.03 -2.10
C ILE A 319 -14.38 -3.48 -1.78
N LEU A 320 -15.38 -3.76 -0.95
CA LEU A 320 -15.71 -5.13 -0.63
C LEU A 320 -16.34 -5.85 -1.84
N LYS A 321 -16.74 -5.16 -2.88
CA LYS A 321 -17.23 -5.84 -4.10
C LYS A 321 -16.12 -6.78 -4.62
N ASN A 322 -14.87 -6.49 -4.27
CA ASN A 322 -13.71 -7.30 -4.73
C ASN A 322 -13.75 -8.67 -4.11
N LEU A 323 -14.48 -8.85 -3.01
CA LEU A 323 -14.58 -10.14 -2.29
C LEU A 323 -15.82 -10.91 -2.78
N ASP A 324 -16.63 -10.30 -3.60
CA ASP A 324 -17.82 -10.98 -4.13
C ASP A 324 -17.38 -12.08 -5.12
N PRO A 325 -17.75 -13.36 -4.95
CA PRO A 325 -17.32 -14.42 -5.87
C PRO A 325 -17.65 -14.13 -7.35
N ALA A 326 -18.84 -13.62 -7.68
CA ALA A 326 -19.21 -13.37 -9.10
C ALA A 326 -18.31 -12.28 -9.70
N GLU A 327 -18.10 -11.20 -8.96
CA GLU A 327 -17.24 -10.10 -9.42
C GLU A 327 -15.82 -10.63 -9.57
N ARG A 328 -15.31 -11.34 -8.58
CA ARG A 328 -13.94 -11.89 -8.66
C ARG A 328 -13.82 -12.70 -9.96
N MET A 329 -14.76 -13.61 -10.16
CA MET A 329 -14.75 -14.56 -11.31
C MET A 329 -14.72 -13.81 -12.66
N ARG A 330 -15.54 -12.78 -12.84
CA ARG A 330 -15.62 -11.99 -14.10
C ARG A 330 -14.23 -11.45 -14.41
N PHE A 331 -13.59 -10.90 -13.40
CA PHE A 331 -12.25 -10.33 -13.59
C PHE A 331 -11.29 -11.45 -13.90
N LEU A 332 -11.28 -12.49 -13.09
CA LEU A 332 -10.27 -13.53 -13.27
C LEU A 332 -10.53 -14.25 -14.60
N THR A 333 -11.77 -14.38 -15.02
CA THR A 333 -12.07 -15.04 -16.31
C THR A 333 -11.37 -14.22 -17.42
N PHE A 334 -11.55 -12.90 -17.41
CA PHE A 334 -10.94 -12.03 -18.43
C PHE A 334 -9.42 -12.19 -18.36
N TRP A 335 -8.89 -12.04 -17.15
CA TRP A 335 -7.45 -12.04 -16.87
C TRP A 335 -6.81 -13.32 -17.38
N ARG A 336 -7.38 -14.47 -17.07
CA ARG A 336 -6.66 -15.73 -17.38
C ARG A 336 -6.63 -15.94 -18.90
N GLN A 337 -7.70 -15.57 -19.56
CA GLN A 337 -7.90 -15.67 -21.03
C GLN A 337 -6.87 -14.75 -21.68
N ALA A 338 -6.72 -13.53 -21.18
CA ALA A 338 -5.86 -12.50 -21.80
C ALA A 338 -4.38 -12.88 -21.63
N VAL A 339 -3.96 -13.28 -20.41
CA VAL A 339 -2.52 -13.44 -20.10
C VAL A 339 -2.00 -14.82 -20.49
N ARG A 340 -2.78 -15.78 -20.88
CA ARG A 340 -2.16 -17.12 -21.18
C ARG A 340 -1.55 -17.19 -22.60
#